data_8BBT
#
_entry.id   8BBT
#
_cell.length_a   53.389
_cell.length_b   53.389
_cell.length_c   105.578
_cell.angle_alpha   90.000
_cell.angle_beta   90.000
_cell.angle_gamma   120.000
#
_symmetry.space_group_name_H-M   'P 32 2 1'
#
loop_
_entity.id
_entity.type
_entity.pdbx_description
1 polymer MOBP
2 non-polymer 'CALCIUM ION'
3 water water
#
_entity_poly.entity_id   1
_entity_poly.type   'polypeptide(L)'
_entity_poly.pdbx_seq_one_letter_code
;MGYLCNDYGYEPNVDYPNASHAGLYDRSKQPYVDTAIGPKTTIQFDHVFIKSDFKTWLAHNQDEAILLIRLYELGLLLQG
RSDSFLEFYNNTTYITRTDSKQPFLNKYGKLVDTTSVTCLDIFLSVVLFALNQIDSLICDFKNTPWINLSKEHKKIYELV
RGIFGICYGEKDYNRFEYCPFDANSTASALNVNATLNAKKTIELITCGLIRALIAYANLVTAFSADKTALLHEILLTKVC
C
;
_entity_poly.pdbx_strand_id   A
#
loop_
_chem_comp.id
_chem_comp.type
_chem_comp.name
_chem_comp.formula
CA non-polymer 'CALCIUM ION' 'Ca 2'
#
# COMPACT_ATOMS: atom_id res chain seq x y z
N LEU A 4 -34.76 24.77 17.38
CA LEU A 4 -33.32 24.82 17.60
C LEU A 4 -32.69 23.46 17.41
N CYS A 5 -31.44 23.45 16.92
CA CYS A 5 -30.74 22.21 16.64
C CYS A 5 -30.58 21.38 17.91
N ASN A 6 -30.70 20.05 17.76
CA ASN A 6 -30.58 19.12 18.87
C ASN A 6 -29.26 18.36 18.87
N ASP A 7 -28.40 18.61 17.89
CA ASP A 7 -27.07 18.00 17.80
C ASP A 7 -26.05 19.13 17.89
N TYR A 8 -25.69 19.49 19.13
CA TYR A 8 -24.89 20.67 19.40
C TYR A 8 -23.60 20.35 20.16
N GLY A 9 -23.27 19.07 20.32
CA GLY A 9 -22.04 18.68 20.98
C GLY A 9 -22.23 17.91 22.26
N TYR A 10 -23.46 17.69 22.72
CA TYR A 10 -23.73 16.84 23.87
C TYR A 10 -24.14 15.47 23.34
N GLU A 11 -23.25 14.49 23.50
CA GLU A 11 -23.46 13.16 22.93
C GLU A 11 -22.87 12.13 23.88
N PRO A 12 -23.59 11.81 24.97
CA PRO A 12 -23.07 10.81 25.91
C PRO A 12 -22.69 9.49 25.28
N ASN A 13 -23.38 9.08 24.21
CA ASN A 13 -23.05 7.80 23.58
C ASN A 13 -21.70 7.85 22.88
N VAL A 14 -21.24 9.03 22.48
CA VAL A 14 -19.91 9.15 21.90
C VAL A 14 -18.86 9.24 23.01
N ASP A 15 -19.21 9.86 24.15
CA ASP A 15 -18.26 9.97 25.24
C ASP A 15 -18.02 8.62 25.91
N TYR A 16 -19.01 7.74 25.90
CA TYR A 16 -18.98 6.47 26.62
C TYR A 16 -19.24 5.34 25.64
N PRO A 17 -18.28 5.05 24.76
CA PRO A 17 -18.54 4.09 23.67
C PRO A 17 -18.73 2.66 24.15
N ASN A 18 -18.03 2.23 25.19
CA ASN A 18 -18.22 0.87 25.67
C ASN A 18 -19.63 0.68 26.21
N ALA A 19 -20.18 1.68 26.89
CA ALA A 19 -21.56 1.57 27.34
C ALA A 19 -22.53 1.60 26.17
N SER A 20 -22.21 2.35 25.12
CA SER A 20 -23.09 2.41 23.95
C SER A 20 -23.11 1.08 23.21
N HIS A 21 -22.03 0.31 23.25
CA HIS A 21 -22.03 -1.00 22.62
C HIS A 21 -22.98 -1.97 23.30
N ALA A 22 -23.39 -1.68 24.54
CA ALA A 22 -24.38 -2.48 25.24
C ALA A 22 -25.81 -2.03 24.97
N GLY A 23 -26.00 -0.99 24.14
CA GLY A 23 -27.32 -0.52 23.82
C GLY A 23 -28.01 -1.41 22.81
N LEU A 24 -29.22 -0.99 22.44
CA LEU A 24 -30.07 -1.78 21.54
C LEU A 24 -29.98 -1.35 20.08
N TYR A 25 -29.35 -0.21 19.79
CA TYR A 25 -29.29 0.30 18.42
C TYR A 25 -27.86 0.45 17.91
N ASP A 26 -26.90 -0.23 18.51
CA ASP A 26 -25.52 -0.20 18.03
C ASP A 26 -25.40 -1.08 16.80
N ARG A 27 -24.90 -0.52 15.71
CA ARG A 27 -24.75 -1.23 14.45
C ARG A 27 -23.30 -1.55 14.13
N SER A 28 -22.37 -1.26 15.05
CA SER A 28 -20.96 -1.50 14.81
C SER A 28 -20.72 -2.94 14.40
N LYS A 29 -19.82 -3.13 13.43
CA LYS A 29 -19.59 -4.45 12.87
C LYS A 29 -18.75 -5.34 13.78
N GLN A 30 -17.88 -4.74 14.59
CA GLN A 30 -17.07 -5.48 15.55
C GLN A 30 -17.09 -4.71 16.87
N PRO A 31 -18.22 -4.78 17.59
CA PRO A 31 -18.34 -3.99 18.83
C PRO A 31 -17.16 -4.24 19.77
N TYR A 32 -16.76 -3.18 20.47
CA TYR A 32 -15.73 -3.12 21.49
C TYR A 32 -14.32 -3.11 20.90
N VAL A 33 -14.15 -3.33 19.59
CA VAL A 33 -12.82 -3.22 19.01
C VAL A 33 -12.33 -1.78 19.07
N ASP A 34 -13.25 -0.81 18.98
CA ASP A 34 -12.86 0.59 18.91
C ASP A 34 -12.19 1.09 20.19
N THR A 35 -12.22 0.33 21.28
CA THR A 35 -11.58 0.73 22.52
C THR A 35 -10.41 -0.16 22.92
N ALA A 36 -10.04 -1.14 22.10
CA ALA A 36 -8.86 -1.94 22.38
C ALA A 36 -7.61 -1.08 22.21
N ILE A 37 -6.74 -1.09 23.23
CA ILE A 37 -5.60 -0.19 23.28
C ILE A 37 -4.33 -1.02 23.44
N GLY A 38 -3.40 -0.82 22.51
CA GLY A 38 -2.10 -1.45 22.56
C GLY A 38 -1.24 -0.90 21.44
N PRO A 39 -0.05 -1.48 21.25
CA PRO A 39 0.79 -1.06 20.12
C PRO A 39 0.08 -1.10 18.78
N LYS A 40 -0.82 -2.07 18.59
CA LYS A 40 -1.45 -2.28 17.29
C LYS A 40 -2.52 -1.24 16.97
N THR A 41 -2.97 -0.45 17.93
CA THR A 41 -4.02 0.53 17.67
C THR A 41 -3.60 1.95 18.03
N THR A 42 -2.35 2.17 18.41
CA THR A 42 -1.87 3.48 18.81
C THR A 42 -0.61 3.84 18.04
N ILE A 43 -0.29 5.13 18.04
CA ILE A 43 1.03 5.62 17.73
C ILE A 43 1.44 6.55 18.87
N GLN A 44 2.73 6.89 18.91
CA GLN A 44 3.24 7.76 19.95
C GLN A 44 4.32 8.68 19.38
N PHE A 45 4.43 9.85 19.99
CA PHE A 45 5.55 10.76 19.81
C PHE A 45 6.01 11.18 21.20
N ASP A 46 7.29 10.98 21.49
CA ASP A 46 7.82 11.30 22.81
C ASP A 46 7.11 10.47 23.89
N HIS A 47 6.74 9.24 23.54
CA HIS A 47 6.02 8.33 24.44
C HIS A 47 4.69 8.90 24.90
N VAL A 48 4.12 9.81 24.12
CA VAL A 48 2.74 10.28 24.31
C VAL A 48 1.90 9.58 23.25
N PHE A 49 0.92 8.79 23.68
CA PHE A 49 0.18 7.90 22.81
C PHE A 49 -1.17 8.49 22.43
N ILE A 50 -1.64 8.13 21.23
CA ILE A 50 -3.01 8.42 20.81
C ILE A 50 -3.58 7.18 20.13
N LYS A 51 -4.90 7.07 20.19
CA LYS A 51 -5.59 6.05 19.39
C LYS A 51 -5.52 6.48 17.93
N SER A 52 -5.02 5.59 17.07
CA SER A 52 -4.51 5.97 15.75
C SER A 52 -5.52 5.67 14.65
N ASP A 53 -5.89 6.70 13.89
CA ASP A 53 -6.62 6.49 12.64
C ASP A 53 -5.77 5.70 11.66
N PHE A 54 -4.47 5.97 11.64
CA PHE A 54 -3.54 5.25 10.78
C PHE A 54 -3.60 3.75 11.06
N LYS A 55 -3.56 3.37 12.33
CA LYS A 55 -3.61 1.94 12.65
C LYS A 55 -4.98 1.35 12.33
N THR A 56 -6.05 2.11 12.51
CA THR A 56 -7.36 1.60 12.16
C THR A 56 -7.45 1.36 10.66
N TRP A 57 -6.85 2.24 9.86
CA TRP A 57 -6.87 2.06 8.41
C TRP A 57 -6.19 0.76 8.02
N LEU A 58 -4.99 0.52 8.57
CA LEU A 58 -4.27 -0.70 8.23
C LEU A 58 -5.12 -1.93 8.54
N ALA A 59 -5.88 -1.88 9.64
CA ALA A 59 -6.67 -3.04 10.04
C ALA A 59 -7.88 -3.24 9.15
N HIS A 60 -8.56 -2.15 8.79
CA HIS A 60 -9.73 -2.28 7.92
C HIS A 60 -9.34 -2.58 6.49
N ASN A 61 -8.08 -2.34 6.10
CA ASN A 61 -7.65 -2.39 4.71
C ASN A 61 -6.37 -3.20 4.56
N GLN A 62 -6.37 -4.42 5.08
CA GLN A 62 -5.17 -5.23 5.06
C GLN A 62 -4.66 -5.46 3.64
N ASP A 63 -5.57 -5.77 2.70
CA ASP A 63 -5.15 -6.04 1.33
C ASP A 63 -4.41 -4.85 0.72
N GLU A 64 -4.97 -3.64 0.90
CA GLU A 64 -4.32 -2.45 0.35
C GLU A 64 -3.05 -2.10 1.13
N ALA A 65 -3.02 -2.37 2.43
CA ALA A 65 -1.78 -2.17 3.19
C ALA A 65 -0.65 -3.00 2.61
N ILE A 66 -0.94 -4.25 2.22
CA ILE A 66 0.08 -5.11 1.66
C ILE A 66 0.55 -4.58 0.31
N LEU A 67 -0.35 -3.98 -0.46
CA LEU A 67 0.07 -3.31 -1.70
C LEU A 67 1.09 -2.22 -1.40
N LEU A 68 0.84 -1.40 -0.38
CA LEU A 68 1.80 -0.35 -0.03
C LEU A 68 3.10 -0.94 0.48
N ILE A 69 3.05 -2.07 1.21
CA ILE A 69 4.27 -2.68 1.70
C ILE A 69 5.11 -3.19 0.55
N ARG A 70 4.47 -3.71 -0.50
CA ARG A 70 5.25 -4.15 -1.67
C ARG A 70 5.91 -2.96 -2.34
N LEU A 71 5.29 -1.78 -2.29
CA LEU A 71 5.91 -0.58 -2.84
C LEU A 71 7.04 -0.09 -1.95
N TYR A 72 6.92 -0.28 -0.62
CA TYR A 72 8.05 0.00 0.26
C TYR A 72 9.27 -0.82 -0.16
N GLU A 73 9.07 -2.11 -0.42
CA GLU A 73 10.17 -2.97 -0.82
C GLU A 73 10.79 -2.48 -2.13
N LEU A 74 9.96 -2.09 -3.09
CA LEU A 74 10.49 -1.47 -4.31
C LEU A 74 11.32 -0.23 -3.97
N GLY A 75 10.80 0.62 -3.08
CA GLY A 75 11.55 1.81 -2.71
C GLY A 75 12.91 1.49 -2.13
N LEU A 76 12.99 0.43 -1.33
CA LEU A 76 14.27 0.05 -0.74
C LEU A 76 15.30 -0.25 -1.82
N LEU A 77 14.90 -1.03 -2.83
CA LEU A 77 15.83 -1.41 -3.89
C LEU A 77 16.30 -0.18 -4.66
N LEU A 78 15.37 0.71 -5.01
CA LEU A 78 15.70 1.91 -5.76
C LEU A 78 16.54 2.89 -4.94
N GLN A 79 16.48 2.83 -3.62
CA GLN A 79 17.30 3.66 -2.76
C GLN A 79 18.58 2.98 -2.32
N GLY A 80 18.90 1.81 -2.89
CA GLY A 80 20.13 1.13 -2.56
C GLY A 80 20.20 0.59 -1.15
N ARG A 81 19.06 0.35 -0.51
CA ARG A 81 19.04 -0.23 0.84
C ARG A 81 19.16 -1.75 0.68
N SER A 82 20.39 -2.19 0.39
CA SER A 82 20.60 -3.54 -0.10
C SER A 82 20.26 -4.59 0.96
N ASP A 83 20.73 -4.40 2.19
CA ASP A 83 20.50 -5.43 3.20
C ASP A 83 19.03 -5.55 3.55
N SER A 84 18.33 -4.42 3.72
CA SER A 84 16.90 -4.48 3.98
C SER A 84 16.17 -5.24 2.88
N PHE A 85 16.54 -4.96 1.63
CA PHE A 85 15.88 -5.62 0.51
C PHE A 85 16.14 -7.12 0.53
N LEU A 86 17.39 -7.52 0.69
CA LEU A 86 17.72 -8.95 0.54
C LEU A 86 17.30 -9.78 1.73
N GLU A 87 17.11 -9.17 2.90
CA GLU A 87 16.64 -9.89 4.08
C GLU A 87 15.13 -9.78 4.26
N PHE A 88 14.43 -9.20 3.29
CA PHE A 88 13.04 -8.80 3.51
C PHE A 88 12.10 -9.99 3.69
N TYR A 89 12.44 -11.15 3.14
CA TYR A 89 11.62 -12.35 3.28
C TYR A 89 12.18 -13.34 4.29
N ASN A 90 13.07 -12.88 5.17
CA ASN A 90 13.65 -13.78 6.16
C ASN A 90 12.65 -14.07 7.28
N ASN A 91 12.91 -15.15 8.01
CA ASN A 91 12.21 -15.45 9.26
C ASN A 91 10.73 -15.73 9.03
N THR A 92 10.41 -16.52 8.01
CA THR A 92 9.03 -16.91 7.73
C THR A 92 8.68 -18.28 8.29
N THR A 93 9.67 -19.08 8.68
CA THR A 93 9.54 -20.29 9.48
C THR A 93 9.12 -21.50 8.65
N TYR A 94 8.21 -21.31 7.71
CA TYR A 94 7.63 -22.43 6.99
C TYR A 94 8.57 -22.93 5.89
N ILE A 95 8.60 -24.25 5.71
CA ILE A 95 9.26 -24.86 4.57
C ILE A 95 8.29 -25.23 3.46
N THR A 96 7.01 -24.92 3.63
CA THR A 96 5.99 -25.13 2.62
C THR A 96 5.34 -23.80 2.27
N ARG A 97 4.60 -23.81 1.16
CA ARG A 97 3.74 -22.68 0.82
C ARG A 97 2.68 -22.50 1.89
N THR A 98 2.28 -21.25 2.09
CA THR A 98 1.12 -20.93 2.90
C THR A 98 0.29 -19.88 2.16
N ASP A 99 0.15 -18.69 2.72
CA ASP A 99 -0.51 -17.60 2.01
C ASP A 99 0.43 -17.07 0.93
N SER A 100 -0.14 -16.75 -0.23
CA SER A 100 0.69 -16.30 -1.35
C SER A 100 1.54 -15.09 -0.98
N LYS A 101 1.05 -14.25 -0.06
CA LYS A 101 1.73 -13.02 0.33
C LYS A 101 2.35 -13.13 1.72
N GLN A 102 2.71 -14.34 2.13
CA GLN A 102 3.18 -14.57 3.51
C GLN A 102 4.23 -13.58 3.98
N PRO A 103 5.35 -13.37 3.28
CA PRO A 103 6.35 -12.43 3.80
C PRO A 103 5.80 -11.02 3.98
N PHE A 104 4.84 -10.61 3.15
CA PHE A 104 4.26 -9.29 3.28
C PHE A 104 3.24 -9.24 4.41
N LEU A 105 2.51 -10.33 4.66
CA LEU A 105 1.67 -10.40 5.85
C LEU A 105 2.50 -10.23 7.11
N ASN A 106 3.66 -10.90 7.17
CA ASN A 106 4.54 -10.78 8.32
C ASN A 106 4.99 -9.33 8.51
N LYS A 107 5.39 -8.68 7.42
CA LYS A 107 5.81 -7.29 7.51
C LYS A 107 4.64 -6.40 7.92
N TYR A 108 3.44 -6.73 7.44
CA TYR A 108 2.24 -6.00 7.84
C TYR A 108 2.03 -6.07 9.34
N GLY A 109 2.19 -7.26 9.93
CA GLY A 109 2.07 -7.37 11.38
C GLY A 109 3.07 -6.50 12.11
N LYS A 110 4.30 -6.41 11.59
CA LYS A 110 5.33 -5.58 12.22
C LYS A 110 5.05 -4.09 12.02
N LEU A 111 4.47 -3.71 10.88
CA LEU A 111 4.07 -2.33 10.70
C LEU A 111 2.97 -1.94 11.67
N VAL A 112 1.98 -2.82 11.85
CA VAL A 112 0.91 -2.56 12.80
C VAL A 112 1.48 -2.39 14.20
N ASP A 113 2.53 -3.14 14.52
CA ASP A 113 3.16 -3.08 15.84
C ASP A 113 4.07 -1.87 16.02
N THR A 114 4.35 -1.12 14.96
CA THR A 114 5.21 0.06 15.05
C THR A 114 4.42 1.23 15.62
N THR A 115 4.92 1.83 16.70
CA THR A 115 4.22 2.93 17.34
C THR A 115 4.83 4.31 17.11
N SER A 116 6.12 4.41 16.81
CA SER A 116 6.77 5.71 16.79
C SER A 116 6.47 6.46 15.50
N VAL A 117 6.17 7.75 15.65
CA VAL A 117 6.04 8.64 14.49
C VAL A 117 7.30 8.59 13.63
N THR A 118 8.46 8.56 14.28
CA THR A 118 9.73 8.54 13.55
C THR A 118 9.79 7.37 12.58
N CYS A 119 9.46 6.17 13.07
CA CYS A 119 9.50 4.99 12.22
C CYS A 119 8.44 5.04 11.13
N LEU A 120 7.24 5.51 11.47
CA LEU A 120 6.17 5.53 10.48
C LEU A 120 6.40 6.60 9.42
N ASP A 121 7.02 7.72 9.79
CA ASP A 121 7.43 8.71 8.80
C ASP A 121 8.33 8.07 7.74
N ILE A 122 9.23 7.17 8.17
CA ILE A 122 10.14 6.53 7.24
C ILE A 122 9.38 5.64 6.27
N PHE A 123 8.45 4.85 6.81
CA PHE A 123 7.64 3.97 5.96
C PHE A 123 6.94 4.77 4.87
N LEU A 124 6.19 5.81 5.25
CA LEU A 124 5.43 6.55 4.24
C LEU A 124 6.36 7.24 3.25
N SER A 125 7.50 7.75 3.73
CA SER A 125 8.43 8.43 2.83
C SER A 125 8.92 7.51 1.72
N VAL A 126 9.24 6.26 2.06
CA VAL A 126 9.72 5.33 1.04
C VAL A 126 8.59 4.95 0.09
N VAL A 127 7.38 4.78 0.62
CA VAL A 127 6.25 4.44 -0.24
C VAL A 127 5.99 5.58 -1.23
N LEU A 128 5.95 6.82 -0.74
CA LEU A 128 5.74 7.95 -1.64
C LEU A 128 6.84 8.00 -2.70
N PHE A 129 8.09 7.80 -2.29
CA PHE A 129 9.18 7.74 -3.24
C PHE A 129 8.88 6.75 -4.35
N ALA A 130 8.39 5.55 -3.99
CA ALA A 130 8.06 4.55 -5.01
C ALA A 130 6.89 5.01 -5.87
N LEU A 131 5.84 5.56 -5.26
CA LEU A 131 4.71 6.06 -6.04
C LEU A 131 5.16 7.09 -7.06
N ASN A 132 6.02 8.02 -6.64
CA ASN A 132 6.46 9.06 -7.56
C ASN A 132 7.29 8.48 -8.69
N GLN A 133 8.12 7.47 -8.39
CA GLN A 133 8.89 6.83 -9.45
C GLN A 133 7.98 6.21 -10.49
N ILE A 134 6.89 5.57 -10.04
CA ILE A 134 5.97 4.93 -10.98
C ILE A 134 5.26 5.98 -11.82
N ASP A 135 4.82 7.06 -11.19
CA ASP A 135 4.15 8.11 -11.95
C ASP A 135 5.06 8.70 -13.01
N SER A 136 6.30 9.03 -12.64
CA SER A 136 7.25 9.56 -13.60
C SER A 136 7.45 8.61 -14.77
N LEU A 137 7.49 7.29 -14.48
CA LEU A 137 7.62 6.30 -15.54
C LEU A 137 6.46 6.38 -16.53
N ILE A 138 5.23 6.41 -16.01
CA ILE A 138 4.06 6.42 -16.88
C ILE A 138 4.05 7.67 -17.76
N CYS A 139 4.38 8.82 -17.19
CA CYS A 139 4.41 10.06 -17.97
C CYS A 139 5.43 9.97 -19.10
N ASP A 140 6.61 9.40 -18.83
CA ASP A 140 7.61 9.24 -19.86
C ASP A 140 7.12 8.28 -20.95
N PHE A 141 6.56 7.14 -20.52
CA PHE A 141 6.08 6.16 -21.48
C PHE A 141 5.07 6.77 -22.45
N LYS A 142 4.17 7.60 -21.95
CA LYS A 142 3.05 8.09 -22.74
C LYS A 142 3.31 9.43 -23.42
N ASN A 143 4.49 10.02 -23.26
CA ASN A 143 4.71 11.37 -23.79
C ASN A 143 4.93 11.38 -25.30
N THR A 144 5.08 10.22 -25.93
CA THR A 144 5.08 10.11 -27.39
C THR A 144 4.41 8.79 -27.75
N PRO A 145 3.68 8.73 -28.87
CA PRO A 145 3.12 7.43 -29.29
C PRO A 145 4.19 6.41 -29.59
N TRP A 146 5.32 6.83 -30.14
CA TRP A 146 6.47 5.96 -30.31
C TRP A 146 7.17 5.83 -28.95
N ILE A 147 7.22 4.61 -28.44
CA ILE A 147 7.68 4.39 -27.07
C ILE A 147 9.18 4.62 -26.98
N ASN A 148 9.58 5.50 -26.06
CA ASN A 148 11.00 5.76 -25.80
C ASN A 148 11.10 6.13 -24.32
N LEU A 149 11.87 5.35 -23.57
CA LEU A 149 12.01 5.56 -22.13
C LEU A 149 13.44 5.99 -21.80
N SER A 150 13.56 6.82 -20.78
CA SER A 150 14.87 7.14 -20.25
C SER A 150 15.52 5.90 -19.68
N LYS A 151 16.85 5.94 -19.56
CA LYS A 151 17.59 4.78 -19.05
C LYS A 151 17.06 4.39 -17.67
N GLU A 152 16.85 5.37 -16.79
CA GLU A 152 16.35 5.08 -15.45
C GLU A 152 14.95 4.47 -15.52
N HIS A 153 14.11 4.95 -16.44
CA HIS A 153 12.74 4.46 -16.50
C HIS A 153 12.67 3.06 -17.10
N LYS A 154 13.63 2.69 -17.96
CA LYS A 154 13.66 1.31 -18.45
C LYS A 154 13.85 0.34 -17.30
N LYS A 155 14.70 0.71 -16.34
CA LYS A 155 14.91 -0.11 -15.15
C LYS A 155 13.65 -0.15 -14.28
N ILE A 156 13.05 1.01 -14.02
CA ILE A 156 11.83 1.05 -13.23
C ILE A 156 10.72 0.25 -13.90
N TYR A 157 10.61 0.38 -15.23
CA TYR A 157 9.55 -0.33 -15.95
C TYR A 157 9.56 -1.81 -15.61
N GLU A 158 10.73 -2.45 -15.68
CA GLU A 158 10.79 -3.89 -15.45
C GLU A 158 10.50 -4.23 -14.00
N LEU A 159 11.00 -3.43 -13.06
CA LEU A 159 10.76 -3.69 -11.65
C LEU A 159 9.29 -3.57 -11.31
N VAL A 160 8.63 -2.55 -11.86
CA VAL A 160 7.22 -2.31 -11.55
C VAL A 160 6.34 -3.30 -12.29
N ARG A 161 6.74 -3.71 -13.51
CA ARG A 161 6.03 -4.80 -14.18
C ARG A 161 6.02 -6.07 -13.34
N GLY A 162 7.08 -6.30 -12.58
CA GLY A 162 7.14 -7.47 -11.71
C GLY A 162 6.19 -7.41 -10.54
N ILE A 163 5.55 -6.27 -10.31
CA ILE A 163 4.57 -6.13 -9.24
C ILE A 163 3.16 -6.17 -9.78
N PHE A 164 2.88 -5.37 -10.82
CA PHE A 164 1.53 -5.22 -11.35
C PHE A 164 1.29 -6.04 -12.62
N GLY A 165 2.33 -6.55 -13.25
CA GLY A 165 2.22 -7.30 -14.48
C GLY A 165 2.55 -6.45 -15.70
N ILE A 166 2.68 -7.10 -16.86
CA ILE A 166 2.48 -8.52 -17.13
C ILE A 166 3.47 -9.41 -16.39
N CYS A 167 2.95 -10.31 -15.56
CA CYS A 167 3.77 -11.16 -14.71
C CYS A 167 4.28 -12.35 -15.51
N TYR A 168 5.60 -12.50 -15.56
CA TYR A 168 6.19 -13.61 -16.30
C TYR A 168 5.75 -14.95 -15.73
N GLY A 169 5.38 -15.86 -16.63
CA GLY A 169 5.04 -17.21 -16.23
C GLY A 169 3.80 -17.35 -15.39
N GLU A 170 2.99 -16.29 -15.26
CA GLU A 170 1.77 -16.36 -14.47
C GLU A 170 0.54 -16.29 -15.36
N ARG A 175 -0.80 -17.60 -25.07
CA ARG A 175 -1.70 -18.69 -25.44
C ARG A 175 -2.78 -18.20 -26.41
N PHE A 176 -3.21 -16.95 -26.21
CA PHE A 176 -4.15 -16.31 -27.12
C PHE A 176 -3.46 -15.52 -28.22
N GLU A 177 -2.13 -15.35 -28.15
CA GLU A 177 -1.37 -14.62 -29.15
C GLU A 177 -0.89 -15.52 -30.29
N TYR A 178 -0.80 -16.83 -30.06
CA TYR A 178 -0.41 -17.77 -31.09
C TYR A 178 -1.45 -17.79 -32.21
N CYS A 179 -0.98 -17.98 -33.46
CA CYS A 179 -1.87 -18.06 -34.62
C CYS A 179 -2.04 -19.51 -35.04
N PRO A 180 -3.01 -20.26 -34.48
CA PRO A 180 -3.08 -21.70 -34.78
C PRO A 180 -3.36 -22.01 -36.25
N PHE A 181 -4.00 -21.09 -36.98
CA PHE A 181 -4.30 -21.35 -38.38
C PHE A 181 -3.04 -21.44 -39.23
N ASP A 182 -1.99 -20.70 -38.84
CA ASP A 182 -0.73 -20.70 -39.57
C ASP A 182 0.35 -20.29 -38.56
N ALA A 183 0.91 -21.30 -37.88
CA ALA A 183 1.82 -21.02 -36.77
C ALA A 183 2.99 -20.15 -37.21
N ASN A 184 3.43 -20.28 -38.46
CA ASN A 184 4.52 -19.46 -38.97
C ASN A 184 4.20 -17.98 -38.85
N SER A 185 2.93 -17.61 -39.08
N SER A 185 2.94 -17.62 -39.09
CA SER A 185 2.56 -16.21 -39.01
CA SER A 185 2.54 -16.21 -39.01
C SER A 185 2.66 -15.64 -37.61
C SER A 185 2.68 -15.65 -37.61
N THR A 186 2.77 -16.50 -36.59
CA THR A 186 2.97 -16.01 -35.24
C THR A 186 4.21 -15.13 -35.16
N ALA A 187 5.24 -15.42 -35.96
CA ALA A 187 6.44 -14.59 -35.97
C ALA A 187 6.11 -13.15 -36.33
N SER A 188 5.23 -12.95 -37.32
CA SER A 188 4.77 -11.60 -37.62
C SER A 188 3.94 -11.03 -36.48
N ALA A 189 3.11 -11.88 -35.86
CA ALA A 189 2.28 -11.42 -34.75
C ALA A 189 3.12 -10.93 -33.57
N LEU A 190 4.23 -11.62 -33.28
CA LEU A 190 5.07 -11.22 -32.15
C LEU A 190 5.55 -9.79 -32.31
N ASN A 191 5.93 -9.40 -33.54
CA ASN A 191 6.40 -8.05 -33.77
C ASN A 191 5.30 -7.04 -33.45
N VAL A 192 4.09 -7.29 -33.96
CA VAL A 192 2.97 -6.40 -33.70
C VAL A 192 2.63 -6.38 -32.21
N ASN A 193 2.73 -7.53 -31.56
CA ASN A 193 2.23 -7.66 -30.19
C ASN A 193 3.22 -7.18 -29.14
N ALA A 194 4.50 -7.04 -29.49
CA ALA A 194 5.47 -6.52 -28.53
C ALA A 194 5.02 -5.18 -27.97
N THR A 195 4.57 -4.28 -28.85
CA THR A 195 4.08 -2.98 -28.36
C THR A 195 2.79 -3.14 -27.59
N LEU A 196 1.94 -4.11 -27.96
CA LEU A 196 0.71 -4.33 -27.21
C LEU A 196 1.01 -4.83 -25.81
N ASN A 197 2.04 -5.66 -25.67
CA ASN A 197 2.40 -6.19 -24.36
C ASN A 197 2.97 -5.09 -23.47
N ALA A 198 3.79 -4.20 -24.04
CA ALA A 198 4.30 -3.08 -23.26
C ALA A 198 3.18 -2.13 -22.85
N LYS A 199 2.23 -1.88 -23.76
CA LYS A 199 1.11 -1.00 -23.42
C LYS A 199 0.20 -1.64 -22.38
N LYS A 200 -0.05 -2.94 -22.51
CA LYS A 200 -0.82 -3.64 -21.48
C LYS A 200 -0.13 -3.55 -20.12
N THR A 201 1.18 -3.70 -20.10
CA THR A 201 1.93 -3.57 -18.85
C THR A 201 1.71 -2.20 -18.24
N ILE A 202 1.78 -1.14 -19.05
CA ILE A 202 1.64 0.20 -18.50
C ILE A 202 0.23 0.44 -18.00
N GLU A 203 -0.77 -0.20 -18.60
CA GLU A 203 -2.12 -0.05 -18.10
C GLU A 203 -2.31 -0.82 -16.80
N LEU A 204 -1.73 -2.01 -16.71
CA LEU A 204 -1.73 -2.73 -15.43
C LEU A 204 -1.01 -1.91 -14.36
N ILE A 205 0.09 -1.26 -14.73
CA ILE A 205 0.81 -0.42 -13.78
C ILE A 205 -0.01 0.83 -13.44
N THR A 206 -0.63 1.44 -14.44
CA THR A 206 -1.42 2.65 -14.20
C THR A 206 -2.58 2.36 -13.27
N CYS A 207 -3.29 1.25 -13.50
CA CYS A 207 -4.43 0.92 -12.64
C CYS A 207 -3.98 0.41 -11.29
N GLY A 208 -2.75 -0.08 -11.16
CA GLY A 208 -2.21 -0.35 -9.84
C GLY A 208 -1.86 0.92 -9.11
N LEU A 209 -1.30 1.89 -9.83
CA LEU A 209 -0.94 3.17 -9.22
C LEU A 209 -2.16 3.87 -8.63
N ILE A 210 -3.27 3.90 -9.38
CA ILE A 210 -4.47 4.60 -8.91
C ILE A 210 -4.98 3.97 -7.63
N ARG A 211 -5.06 2.63 -7.59
CA ARG A 211 -5.47 1.96 -6.36
C ARG A 211 -4.53 2.32 -5.22
N ALA A 212 -3.23 2.26 -5.47
CA ALA A 212 -2.26 2.59 -4.42
C ALA A 212 -2.35 4.05 -4.02
N LEU A 213 -2.66 4.94 -4.95
CA LEU A 213 -2.71 6.36 -4.60
C LEU A 213 -3.93 6.66 -3.74
N ILE A 214 -5.08 6.04 -4.05
CA ILE A 214 -6.26 6.24 -3.23
C ILE A 214 -6.01 5.71 -1.82
N ALA A 215 -5.37 4.56 -1.72
CA ALA A 215 -5.02 4.01 -0.41
C ALA A 215 -4.09 4.96 0.33
N TYR A 216 -3.02 5.41 -0.34
CA TYR A 216 -2.04 6.27 0.30
C TYR A 216 -2.66 7.60 0.71
N ALA A 217 -3.42 8.22 -0.18
CA ALA A 217 -4.08 9.49 0.15
C ALA A 217 -4.87 9.37 1.45
N ASN A 218 -5.64 8.29 1.60
CA ASN A 218 -6.43 8.13 2.80
C ASN A 218 -5.55 7.78 4.00
N LEU A 219 -4.55 6.91 3.80
CA LEU A 219 -3.72 6.50 4.93
C LEU A 219 -2.90 7.67 5.48
N VAL A 220 -2.33 8.51 4.61
CA VAL A 220 -1.50 9.60 5.10
C VAL A 220 -2.35 10.71 5.67
N THR A 221 -3.59 10.88 5.19
CA THR A 221 -4.48 11.84 5.82
C THR A 221 -4.84 11.37 7.23
N ALA A 222 -5.08 10.06 7.40
CA ALA A 222 -5.34 9.53 8.72
C ALA A 222 -4.14 9.72 9.64
N PHE A 223 -2.93 9.52 9.10
CA PHE A 223 -1.71 9.75 9.86
C PHE A 223 -1.56 11.23 10.22
N SER A 224 -1.83 12.12 9.26
CA SER A 224 -1.78 13.55 9.52
C SER A 224 -2.77 13.95 10.60
N ALA A 225 -3.99 13.41 10.53
CA ALA A 225 -4.97 13.64 11.59
C ALA A 225 -4.46 13.14 12.93
N ASP A 226 -3.83 11.95 12.95
CA ASP A 226 -3.25 11.45 14.18
C ASP A 226 -2.21 12.41 14.73
N LYS A 227 -1.44 13.05 13.85
CA LYS A 227 -0.41 13.98 14.31
C LYS A 227 -1.03 15.23 14.92
N THR A 228 -2.16 15.69 14.37
CA THR A 228 -2.86 16.80 15.01
C THR A 228 -3.29 16.43 16.42
N ALA A 229 -3.80 15.20 16.59
CA ALA A 229 -4.19 14.75 17.92
C ALA A 229 -3.00 14.72 18.86
N LEU A 230 -1.83 14.31 18.37
CA LEU A 230 -0.62 14.34 19.19
C LEU A 230 -0.26 15.77 19.56
N LEU A 231 -0.30 16.68 18.58
CA LEU A 231 -0.01 18.08 18.86
C LEU A 231 -0.92 18.62 19.95
N HIS A 232 -2.20 18.24 19.92
CA HIS A 232 -3.13 18.69 20.95
C HIS A 232 -2.81 18.06 22.31
N GLU A 233 -2.61 16.75 22.32
CA GLU A 233 -2.39 16.05 23.59
C GLU A 233 -1.09 16.51 24.24
N ILE A 234 -0.03 16.69 23.45
CA ILE A 234 1.27 17.03 24.03
C ILE A 234 1.17 18.32 24.82
N LEU A 235 0.31 19.26 24.39
CA LEU A 235 0.26 20.56 25.05
C LEU A 235 -0.19 20.45 26.50
N LEU A 236 -0.95 19.41 26.84
CA LEU A 236 -1.37 19.19 28.22
C LEU A 236 -0.47 18.22 28.97
N THR A 237 0.05 17.20 28.30
CA THR A 237 0.92 16.22 28.96
C THR A 237 2.18 16.90 29.49
CA CA B . 9.00 8.86 -23.68
#